data_7SQY
#
_entry.id   7SQY
#
_cell.length_a   1.00
_cell.length_b   1.00
_cell.length_c   1.00
_cell.angle_alpha   90.00
_cell.angle_beta   90.00
_cell.angle_gamma   90.00
#
_symmetry.space_group_name_H-M   'P 1'
#
_entity_poly.entity_id   1
_entity_poly.type   'polypeptide(L)'
_entity_poly.pdbx_seq_one_letter_code
;MQSDTLLPLTGGVSKGEELFTGVVPILVELDGDVNGHKFSVSGEGEGDATYGKLTLKFICTTGKLPVPWPTLVTTLTYGV
QCFSRYPDHMKQHDFFKSAMPEGYVQERTIFFKDDGNYKTRAEVKFEGDTLVNRIELKGIDFKEDGNILGHKLEYNYNSH
NVYIMADKQKNGIKVNFKIRHNIEDGSVQLADHYQQNTPIGDGPVLLPDNHYLSTQSALSKDPNEKRDHMVLLEFVTAAG
ITLGMDELYKLTGGFSMASDAQAGPAPSRDDRVDRQPRLPAAPRVAEVGLNAPSVDYPFQWVVASYDGSEAKNLSDDLSG
SATLTKVMANYRHAELTSVELEVCPLAAAFSKPISVSAVWTIASISPASASETSYYGGRLFTVGGPVLMSSTTHLPADLT
RLNPVLKGPVKYTDCPRFSYSVYSNGGTKGTNLCTIILRGVVRLSGPSGNLLA
;
_entity_poly.pdbx_strand_id   A,B,C
#
# COMPACT_ATOMS: atom_id res chain seq x y z
N PRO A 280 5.21 -18.35 15.38
CA PRO A 280 4.71 -17.39 14.40
C PRO A 280 3.25 -17.63 14.05
N ALA A 281 2.39 -16.63 14.28
CA ALA A 281 0.98 -16.79 13.98
C ALA A 281 0.73 -16.72 12.47
N ALA A 282 1.36 -15.76 11.78
CA ALA A 282 1.12 -15.58 10.37
C ALA A 282 2.41 -15.14 9.68
N PRO A 283 2.59 -15.43 8.40
CA PRO A 283 3.80 -14.99 7.71
C PRO A 283 3.88 -13.47 7.61
N ARG A 284 5.11 -12.97 7.56
CA ARG A 284 5.39 -11.54 7.43
C ARG A 284 6.35 -11.32 6.26
N VAL A 285 6.41 -10.07 5.81
CA VAL A 285 7.28 -9.70 4.71
C VAL A 285 8.73 -9.69 5.19
N ALA A 286 9.62 -10.23 4.37
CA ALA A 286 11.03 -10.27 4.71
C ALA A 286 11.59 -8.85 4.78
N GLU A 287 12.50 -8.62 5.74
CA GLU A 287 13.13 -7.32 5.95
C GLU A 287 14.62 -7.57 6.15
N VAL A 288 15.39 -7.47 5.06
CA VAL A 288 16.83 -7.62 5.15
C VAL A 288 17.45 -6.37 5.78
N GLY A 289 18.63 -6.54 6.37
CA GLY A 289 19.31 -5.45 7.01
C GLY A 289 18.61 -4.92 8.24
N LEU A 290 18.10 -5.83 9.08
CA LEU A 290 17.42 -5.43 10.30
C LEU A 290 18.38 -5.09 11.43
N ASN A 291 19.66 -5.40 11.27
CA ASN A 291 20.66 -5.14 12.31
C ASN A 291 21.24 -3.73 12.19
N ALA A 292 20.32 -2.76 12.11
CA ALA A 292 20.68 -1.35 12.00
C ALA A 292 20.68 -0.70 13.38
N PRO A 293 21.48 0.34 13.58
CA PRO A 293 21.47 1.05 14.87
C PRO A 293 20.09 1.62 15.16
N SER A 294 19.51 1.18 16.27
CA SER A 294 18.16 1.54 16.66
C SER A 294 18.15 1.99 18.12
N VAL A 295 17.21 2.88 18.44
CA VAL A 295 17.06 3.42 19.78
C VAL A 295 15.62 3.21 20.23
N ASP A 296 15.43 2.77 21.47
CA ASP A 296 14.09 2.60 22.03
C ASP A 296 13.57 3.95 22.50
N TYR A 297 12.36 4.29 22.06
CA TYR A 297 11.79 5.63 22.25
C TYR A 297 10.47 5.52 23.01
N PRO A 298 10.50 5.58 24.33
CA PRO A 298 9.25 5.58 25.09
C PRO A 298 8.42 6.81 24.77
N PHE A 299 7.11 6.60 24.58
CA PHE A 299 6.21 7.69 24.26
C PHE A 299 4.93 7.55 25.06
N GLN A 300 4.35 8.69 25.43
CA GLN A 300 3.06 8.71 26.10
C GLN A 300 2.37 10.02 25.76
N TRP A 301 1.07 9.93 25.48
CA TRP A 301 0.27 11.10 25.17
C TRP A 301 -1.19 10.79 25.46
N VAL A 302 -1.87 11.75 26.09
CA VAL A 302 -3.27 11.60 26.41
C VAL A 302 -4.08 11.65 25.13
N VAL A 303 -4.93 10.65 24.92
CA VAL A 303 -5.74 10.59 23.70
C VAL A 303 -6.83 11.64 23.74
N ALA A 304 -7.72 11.54 24.74
CA ALA A 304 -8.82 12.49 24.84
C ALA A 304 -9.51 12.37 26.18
N SER A 305 -10.12 13.46 26.63
CA SER A 305 -10.91 13.49 27.85
C SER A 305 -12.38 13.47 27.47
N TYR A 306 -13.13 12.52 28.03
CA TYR A 306 -14.51 12.28 27.68
C TYR A 306 -15.42 12.49 28.86
N ASP A 307 -16.53 13.19 28.62
CA ASP A 307 -17.63 13.32 29.54
C ASP A 307 -18.77 12.41 29.09
N GLY A 308 -19.87 12.42 29.84
CA GLY A 308 -20.96 11.52 29.55
C GLY A 308 -22.11 12.14 28.79
N SER A 309 -21.87 13.29 28.17
CA SER A 309 -22.95 14.00 27.49
C SER A 309 -23.54 13.18 26.35
N GLU A 310 -22.69 12.55 25.54
CA GLU A 310 -23.15 11.71 24.45
C GLU A 310 -22.10 10.63 24.15
N ALA A 311 -22.55 9.59 23.46
CA ALA A 311 -21.65 8.51 23.08
C ALA A 311 -20.70 8.97 21.98
N LYS A 312 -19.40 8.70 22.17
CA LYS A 312 -18.39 9.15 21.23
C LYS A 312 -17.50 7.97 20.86
N ASN A 313 -17.37 7.70 19.58
CA ASN A 313 -16.54 6.62 19.08
C ASN A 313 -15.24 7.22 18.56
N LEU A 314 -14.18 6.41 18.60
CA LEU A 314 -12.90 6.83 18.01
C LEU A 314 -12.08 5.58 17.74
N SER A 315 -11.68 5.39 16.47
CA SER A 315 -10.83 4.29 16.06
C SER A 315 -9.67 4.87 15.27
N ASP A 316 -8.44 4.53 15.67
CA ASP A 316 -7.26 5.09 15.03
C ASP A 316 -6.23 4.00 14.82
N ASP A 317 -5.58 4.06 13.65
CA ASP A 317 -4.49 3.16 13.30
C ASP A 317 -3.18 3.81 13.67
N LEU A 318 -2.33 3.07 14.40
CA LEU A 318 -1.06 3.64 14.85
C LEU A 318 -0.10 3.88 13.69
N SER A 319 -0.38 3.34 12.51
CA SER A 319 0.47 3.62 11.35
C SER A 319 0.45 5.10 11.00
N GLY A 320 -0.72 5.73 11.06
CA GLY A 320 -0.83 7.12 10.68
C GLY A 320 -1.48 8.01 11.71
N SER A 321 -1.24 7.73 13.00
CA SER A 321 -1.72 8.60 14.05
C SER A 321 -1.00 9.93 14.01
N ALA A 322 -1.76 11.02 14.06
CA ALA A 322 -1.20 12.35 13.78
C ALA A 322 -0.15 12.73 14.82
N THR A 323 -0.39 12.43 16.09
CA THR A 323 0.49 12.85 17.17
C THR A 323 1.65 11.90 17.41
N LEU A 324 1.71 10.77 16.70
CA LEU A 324 2.85 9.87 16.77
C LEU A 324 3.74 9.93 15.54
N THR A 325 3.19 10.29 14.38
CA THR A 325 4.03 10.42 13.19
C THR A 325 5.07 11.51 13.35
N LYS A 326 4.79 12.55 14.15
CA LYS A 326 5.79 13.56 14.41
C LYS A 326 7.00 12.98 15.13
N VAL A 327 6.79 11.98 15.98
CA VAL A 327 7.90 11.25 16.56
C VAL A 327 8.59 10.39 15.51
N MET A 328 7.82 9.78 14.62
CA MET A 328 8.34 8.86 13.62
C MET A 328 8.70 9.54 12.31
N ALA A 329 8.47 10.85 12.17
CA ALA A 329 8.79 11.52 10.91
C ALA A 329 10.28 11.57 10.66
N ASN A 330 11.09 11.63 11.71
CA ASN A 330 12.53 11.78 11.57
C ASN A 330 13.25 10.47 11.36
N TYR A 331 12.54 9.34 11.38
CA TYR A 331 13.15 8.03 11.22
C TYR A 331 12.43 7.27 10.11
N ARG A 332 13.16 6.33 9.49
CA ARG A 332 12.60 5.56 8.39
C ARG A 332 11.90 4.30 8.85
N HIS A 333 12.33 3.70 9.96
CA HIS A 333 11.74 2.46 10.46
C HIS A 333 11.28 2.67 11.90
N ALA A 334 10.04 2.27 12.19
CA ALA A 334 9.48 2.36 13.53
C ALA A 334 8.78 1.05 13.84
N GLU A 335 9.18 0.40 14.94
CA GLU A 335 8.68 -0.91 15.31
C GLU A 335 8.23 -0.89 16.76
N LEU A 336 6.95 -1.16 17.00
CA LEU A 336 6.45 -1.15 18.36
C LEU A 336 7.05 -2.28 19.18
N THR A 337 7.47 -1.98 20.40
CA THR A 337 7.90 -2.98 21.36
C THR A 337 6.82 -3.28 22.38
N SER A 338 6.08 -2.26 22.80
CA SER A 338 4.93 -2.42 23.67
C SER A 338 4.05 -1.19 23.52
N VAL A 339 2.75 -1.39 23.69
CA VAL A 339 1.79 -0.29 23.62
C VAL A 339 0.52 -0.72 24.35
N GLU A 340 -0.13 0.23 25.01
CA GLU A 340 -1.33 -0.08 25.76
C GLU A 340 -2.23 1.15 25.78
N LEU A 341 -3.52 0.90 25.99
CA LEU A 341 -4.52 1.95 26.12
C LEU A 341 -4.99 1.99 27.57
N GLU A 342 -4.91 3.17 28.18
CA GLU A 342 -5.22 3.34 29.60
C GLU A 342 -6.42 4.27 29.77
N VAL A 343 -7.38 3.83 30.56
CA VAL A 343 -8.57 4.62 30.88
C VAL A 343 -8.46 5.10 32.31
N CYS A 344 -7.91 6.30 32.50
CA CYS A 344 -7.68 6.83 33.84
C CYS A 344 -8.89 7.62 34.30
N PRO A 345 -9.54 7.23 35.39
CA PRO A 345 -10.67 8.01 35.90
C PRO A 345 -10.23 9.33 36.49
N LEU A 346 -11.12 10.30 36.46
CA LEU A 346 -10.95 11.57 37.14
C LEU A 346 -11.86 11.63 38.36
N ALA A 347 -11.54 12.54 39.28
CA ALA A 347 -12.29 12.63 40.53
C ALA A 347 -13.77 12.89 40.29
N ALA A 348 -14.10 13.63 39.22
CA ALA A 348 -15.50 13.93 38.93
C ALA A 348 -16.30 12.68 38.62
N ALA A 349 -15.63 11.56 38.30
CA ALA A 349 -16.31 10.31 38.06
C ALA A 349 -16.63 9.53 39.33
N PHE A 350 -16.28 10.08 40.50
CA PHE A 350 -16.55 9.37 41.75
C PHE A 350 -18.04 9.14 41.93
N SER A 351 -18.86 10.15 41.71
CA SER A 351 -20.30 10.07 41.91
C SER A 351 -21.05 9.60 40.67
N LYS A 352 -20.36 9.39 39.56
CA LYS A 352 -21.01 9.00 38.30
C LYS A 352 -20.02 8.19 37.48
N PRO A 353 -20.14 6.86 37.49
CA PRO A 353 -19.26 6.04 36.66
C PRO A 353 -19.55 6.23 35.19
N ILE A 354 -18.52 6.00 34.37
CA ILE A 354 -18.63 6.11 32.92
C ILE A 354 -18.02 4.88 32.29
N SER A 355 -18.67 4.35 31.26
CA SER A 355 -18.30 3.07 30.64
C SER A 355 -17.80 3.31 29.22
N VAL A 356 -16.64 2.73 28.91
CA VAL A 356 -16.03 2.81 27.60
C VAL A 356 -15.59 1.40 27.19
N SER A 357 -15.88 1.02 25.95
CA SER A 357 -15.50 -0.29 25.43
C SER A 357 -14.39 -0.12 24.40
N ALA A 358 -13.30 -0.86 24.58
CA ALA A 358 -12.12 -0.67 23.75
C ALA A 358 -11.57 -2.00 23.28
N VAL A 359 -10.89 -1.98 22.14
CA VAL A 359 -10.28 -3.18 21.56
C VAL A 359 -9.09 -2.78 20.71
N TRP A 360 -8.03 -3.58 20.79
CA TRP A 360 -6.90 -3.51 19.87
C TRP A 360 -7.09 -4.57 18.80
N THR A 361 -6.95 -4.19 17.54
CA THR A 361 -7.25 -5.11 16.46
C THR A 361 -6.32 -4.85 15.29
N ILE A 362 -6.43 -5.71 14.27
CA ILE A 362 -5.70 -5.50 13.03
C ILE A 362 -6.22 -4.24 12.35
N ALA A 363 -5.30 -3.49 11.73
CA ALA A 363 -5.69 -2.26 11.05
C ALA A 363 -6.70 -2.52 9.94
N SER A 364 -6.69 -3.73 9.37
CA SER A 364 -7.69 -4.09 8.38
C SER A 364 -9.09 -4.09 8.97
N ILE A 365 -9.23 -4.64 10.17
CA ILE A 365 -10.53 -4.73 10.83
C ILE A 365 -10.85 -3.39 11.49
N SER A 366 -12.05 -2.87 11.23
CA SER A 366 -12.50 -1.58 11.78
C SER A 366 -13.81 -1.81 12.52
N PRO A 367 -13.76 -2.15 13.80
CA PRO A 367 -15.00 -2.42 14.55
C PRO A 367 -15.90 -1.20 14.60
N ALA A 368 -17.21 -1.46 14.54
CA ALA A 368 -18.21 -0.41 14.57
C ALA A 368 -18.39 0.10 16.00
N SER A 369 -19.25 1.11 16.15
CA SER A 369 -19.49 1.71 17.45
C SER A 369 -20.23 0.75 18.38
N ALA A 370 -19.81 0.73 19.64
CA ALA A 370 -20.40 -0.08 20.70
C ALA A 370 -20.34 -1.58 20.42
N SER A 371 -19.52 -1.99 19.45
CA SER A 371 -19.36 -3.40 19.12
C SER A 371 -17.95 -3.89 19.43
N GLU A 372 -17.28 -3.26 20.39
CA GLU A 372 -15.91 -3.62 20.72
C GLU A 372 -15.79 -4.83 21.62
N THR A 373 -16.89 -5.27 22.23
CA THR A 373 -16.86 -6.48 23.04
C THR A 373 -17.12 -7.74 22.24
N SER A 374 -17.47 -7.60 20.96
CA SER A 374 -17.70 -8.75 20.10
C SER A 374 -16.43 -9.24 19.40
N TYR A 375 -15.30 -8.56 19.62
CA TYR A 375 -14.01 -8.98 19.07
C TYR A 375 -13.14 -9.53 20.19
N TYR A 376 -12.28 -10.48 19.84
CA TYR A 376 -11.41 -11.10 20.83
C TYR A 376 -10.49 -10.05 21.44
N GLY A 377 -10.40 -10.05 22.77
CA GLY A 377 -9.60 -9.08 23.47
C GLY A 377 -10.29 -7.74 23.70
N GLY A 378 -11.55 -7.59 23.30
CA GLY A 378 -12.26 -6.36 23.55
C GLY A 378 -12.83 -6.32 24.96
N ARG A 379 -12.53 -5.23 25.67
CA ARG A 379 -12.93 -5.08 27.06
C ARG A 379 -13.92 -3.93 27.20
N LEU A 380 -14.64 -3.94 28.32
CA LEU A 380 -15.64 -2.93 28.65
C LEU A 380 -15.25 -2.34 30.01
N PHE A 381 -14.42 -1.31 29.98
CA PHE A 381 -13.95 -0.68 31.22
C PHE A 381 -14.99 0.30 31.72
N THR A 382 -15.52 0.07 32.91
CA THR A 382 -16.33 1.05 33.61
C THR A 382 -15.52 1.65 34.74
N VAL A 383 -15.44 2.98 34.77
CA VAL A 383 -14.55 3.67 35.70
C VAL A 383 -15.35 4.63 36.55
N GLY A 384 -14.80 4.93 37.73
CA GLY A 384 -15.48 5.76 38.70
C GLY A 384 -16.00 4.93 39.86
N GLY A 385 -17.27 5.09 40.19
CA GLY A 385 -17.91 4.28 41.19
C GLY A 385 -17.46 4.59 42.60
N PRO A 386 -17.78 3.70 43.54
CA PRO A 386 -17.39 3.94 44.94
C PRO A 386 -15.89 4.02 45.15
N VAL A 387 -15.10 3.25 44.41
CA VAL A 387 -13.66 3.20 44.61
C VAL A 387 -12.97 3.57 43.30
N LEU A 388 -12.09 4.56 43.35
CA LEU A 388 -11.26 4.94 42.21
C LEU A 388 -9.86 4.34 42.35
N MET A 389 -9.82 3.00 42.35
CA MET A 389 -8.58 2.27 42.58
C MET A 389 -8.33 1.14 41.59
N SER A 390 -9.35 0.68 40.87
CA SER A 390 -9.17 -0.46 39.96
C SER A 390 -8.16 -0.12 38.88
N SER A 391 -7.01 -0.81 38.92
CA SER A 391 -5.97 -0.66 37.91
C SER A 391 -6.13 -1.64 36.77
N THR A 392 -7.34 -2.14 36.55
CA THR A 392 -7.63 -3.08 35.48
C THR A 392 -8.05 -2.39 34.19
N THR A 393 -7.92 -1.07 34.12
CA THR A 393 -8.26 -0.33 32.91
C THR A 393 -7.19 -0.42 31.83
N HIS A 394 -6.05 -1.02 32.14
CA HIS A 394 -5.04 -1.26 31.12
C HIS A 394 -5.58 -2.21 30.06
N LEU A 395 -5.38 -1.84 28.79
CA LEU A 395 -5.69 -2.71 27.66
C LEU A 395 -4.42 -2.79 26.82
N PRO A 396 -3.57 -3.79 27.07
CA PRO A 396 -2.33 -3.90 26.32
C PRO A 396 -2.52 -4.61 24.99
N ALA A 397 -1.77 -4.17 24.00
CA ALA A 397 -1.83 -4.80 22.68
C ALA A 397 -1.00 -6.08 22.67
N ASP A 398 -1.56 -7.13 22.07
CA ASP A 398 -0.89 -8.41 21.93
C ASP A 398 -0.11 -8.38 20.62
N LEU A 399 1.13 -7.91 20.68
CA LEU A 399 1.94 -7.75 19.48
C LEU A 399 2.36 -9.08 18.86
N THR A 400 2.14 -10.19 19.55
CA THR A 400 2.38 -11.50 18.95
C THR A 400 1.25 -11.91 18.00
N ARG A 401 0.10 -11.24 18.07
CA ARG A 401 -0.99 -11.46 17.14
C ARG A 401 -1.21 -10.28 16.20
N LEU A 402 -0.32 -9.29 16.25
CA LEU A 402 -0.41 -8.07 15.46
C LEU A 402 0.91 -7.85 14.73
N ASN A 403 1.03 -6.71 14.05
CA ASN A 403 2.27 -6.35 13.38
C ASN A 403 2.93 -5.21 14.14
N PRO A 404 4.08 -5.43 14.78
CA PRO A 404 4.71 -4.34 15.55
C PRO A 404 5.14 -3.16 14.71
N VAL A 405 5.37 -3.35 13.41
CA VAL A 405 5.97 -2.30 12.59
C VAL A 405 4.91 -1.25 12.25
N LEU A 406 5.19 -0.01 12.62
CA LEU A 406 4.32 1.13 12.29
C LEU A 406 4.79 1.89 11.06
N LYS A 407 6.09 2.07 10.89
CA LYS A 407 6.66 2.74 9.73
C LYS A 407 7.69 1.84 9.09
N GLY A 408 7.75 1.86 7.76
CA GLY A 408 8.69 1.06 7.03
C GLY A 408 8.71 1.42 5.56
N PRO A 409 9.46 0.65 4.76
CA PRO A 409 9.44 0.89 3.30
C PRO A 409 8.07 0.71 2.68
N VAL A 410 7.26 -0.22 3.21
CA VAL A 410 5.95 -0.49 2.67
C VAL A 410 4.90 -0.01 3.66
N LYS A 411 3.64 -0.03 3.22
CA LYS A 411 2.50 0.37 4.05
C LYS A 411 1.79 -0.90 4.51
N TYR A 412 2.14 -1.36 5.71
CA TYR A 412 1.56 -2.59 6.23
C TYR A 412 0.08 -2.41 6.52
N THR A 413 -0.67 -3.50 6.42
CA THR A 413 -2.12 -3.47 6.59
C THR A 413 -2.57 -4.14 7.88
N ASP A 414 -1.66 -4.65 8.69
CA ASP A 414 -2.01 -5.33 9.93
C ASP A 414 -1.35 -4.69 11.16
N CYS A 415 -1.09 -3.39 11.08
CA CYS A 415 -0.56 -2.67 12.23
C CYS A 415 -1.64 -2.56 13.30
N PRO A 416 -1.25 -2.32 14.56
CA PRO A 416 -2.26 -2.19 15.62
C PRO A 416 -3.19 -1.02 15.34
N ARG A 417 -4.46 -1.22 15.66
CA ARG A 417 -5.45 -0.15 15.59
C ARG A 417 -6.32 -0.23 16.83
N PHE A 418 -6.48 0.89 17.52
CA PHE A 418 -7.26 0.92 18.74
C PHE A 418 -8.62 1.55 18.46
N SER A 419 -9.68 0.89 18.91
CA SER A 419 -11.04 1.37 18.70
C SER A 419 -11.76 1.37 20.03
N TYR A 420 -12.28 2.52 20.43
CA TYR A 420 -13.02 2.62 21.68
C TYR A 420 -14.24 3.50 21.50
N SER A 421 -15.32 3.12 22.16
CA SER A 421 -16.57 3.86 22.16
C SER A 421 -16.97 4.17 23.60
N VAL A 422 -17.29 5.43 23.86
CA VAL A 422 -17.70 5.90 25.17
C VAL A 422 -19.22 6.03 25.16
N TYR A 423 -19.87 5.38 26.12
CA TYR A 423 -21.32 5.34 26.17
C TYR A 423 -21.88 6.62 26.79
N SER A 424 -23.19 6.78 26.68
CA SER A 424 -23.87 8.00 27.13
C SER A 424 -24.14 7.90 28.62
N ASN A 425 -23.45 8.73 29.40
CA ASN A 425 -23.68 8.84 30.83
C ASN A 425 -24.66 9.98 31.09
N GLY A 426 -24.77 10.41 32.34
CA GLY A 426 -25.53 11.61 32.67
C GLY A 426 -24.63 12.82 32.80
N GLY A 427 -23.70 12.97 31.86
CA GLY A 427 -22.67 13.97 32.00
C GLY A 427 -23.23 15.38 31.95
N THR A 428 -22.44 16.33 32.44
CA THR A 428 -22.82 17.73 32.56
C THR A 428 -22.29 18.57 31.39
N LYS A 429 -21.69 17.90 30.39
CA LYS A 429 -21.18 18.50 29.16
C LYS A 429 -19.90 19.29 29.37
N GLY A 430 -19.43 19.40 30.61
CA GLY A 430 -18.20 20.10 30.87
C GLY A 430 -17.25 19.40 31.83
N THR A 431 -17.72 18.34 32.48
CA THR A 431 -16.95 17.75 33.58
C THR A 431 -15.70 17.04 33.09
N ASN A 432 -15.79 16.36 31.94
CA ASN A 432 -14.69 15.52 31.45
C ASN A 432 -14.27 14.51 32.51
N LEU A 433 -15.18 13.60 32.87
CA LEU A 433 -14.98 12.68 33.97
C LEU A 433 -14.35 11.36 33.53
N CYS A 434 -13.63 11.36 32.42
CA CYS A 434 -12.84 10.20 32.02
C CYS A 434 -11.69 10.66 31.15
N THR A 435 -10.57 9.94 31.22
CA THR A 435 -9.40 10.27 30.40
C THR A 435 -8.88 9.01 29.72
N ILE A 436 -8.61 9.11 28.43
CA ILE A 436 -8.04 8.03 27.63
C ILE A 436 -6.65 8.48 27.19
N ILE A 437 -5.63 7.68 27.51
CA ILE A 437 -4.25 7.98 27.18
C ILE A 437 -3.63 6.75 26.52
N LEU A 438 -2.55 7.00 25.77
CA LEU A 438 -1.78 5.95 25.12
C LEU A 438 -0.32 6.08 25.52
N ARG A 439 0.29 4.95 25.90
CA ARG A 439 1.70 4.92 26.24
C ARG A 439 2.31 3.63 25.73
N GLY A 440 3.62 3.66 25.51
CA GLY A 440 4.31 2.49 25.02
C GLY A 440 5.74 2.82 24.64
N VAL A 441 6.36 1.89 23.93
CA VAL A 441 7.75 2.02 23.48
C VAL A 441 7.80 1.69 22.00
N VAL A 442 8.47 2.55 21.22
CA VAL A 442 8.68 2.33 19.81
C VAL A 442 10.18 2.37 19.53
N ARG A 443 10.69 1.36 18.84
CA ARG A 443 12.08 1.29 18.46
C ARG A 443 12.24 1.95 17.09
N LEU A 444 13.02 3.02 17.03
CA LEU A 444 13.18 3.82 15.83
C LEU A 444 14.58 3.59 15.26
N SER A 445 14.65 3.28 13.97
CA SER A 445 15.93 2.99 13.33
C SER A 445 15.97 3.64 11.96
N GLY A 446 17.19 3.98 11.53
CA GLY A 446 17.42 4.56 10.24
C GLY A 446 16.88 5.97 10.10
N PRO A 447 17.47 6.92 10.82
CA PRO A 447 17.00 8.31 10.71
C PRO A 447 17.23 8.86 9.32
N SER A 448 16.32 9.72 8.89
CA SER A 448 16.38 10.36 7.59
C SER A 448 16.68 11.84 7.73
N GLY A 449 17.21 12.43 6.66
CA GLY A 449 17.56 13.84 6.68
C GLY A 449 16.34 14.74 6.56
N ASN A 450 15.50 14.74 7.60
CA ASN A 450 14.31 15.56 7.62
C ASN A 450 14.63 16.93 8.21
N LEU A 451 13.60 17.72 8.48
CA LEU A 451 13.80 19.04 9.06
C LEU A 451 14.38 18.92 10.47
N LEU A 452 15.11 19.96 10.87
CA LEU A 452 15.73 19.97 12.19
C LEU A 452 14.80 20.62 13.22
N PRO B 277 27.07 13.68 1.37
CA PRO B 277 26.20 13.32 2.50
C PRO B 277 25.66 11.91 2.39
N ARG B 278 26.01 11.06 3.35
CA ARG B 278 25.61 9.66 3.37
C ARG B 278 24.65 9.43 4.53
N LEU B 279 23.39 9.15 4.23
CA LEU B 279 22.41 8.89 5.26
C LEU B 279 22.66 7.52 5.89
N PRO B 280 22.34 7.36 7.17
CA PRO B 280 22.52 6.05 7.82
C PRO B 280 21.59 5.00 7.23
N ALA B 281 22.06 3.76 7.26
CA ALA B 281 21.31 2.65 6.69
C ALA B 281 20.06 2.35 7.51
N ALA B 282 18.99 1.98 6.82
CA ALA B 282 17.73 1.61 7.43
C ALA B 282 17.28 0.26 6.88
N PRO B 283 16.57 -0.53 7.68
CA PRO B 283 16.10 -1.83 7.20
C PRO B 283 15.19 -1.70 6.00
N ARG B 284 15.32 -2.62 5.06
CA ARG B 284 14.57 -2.59 3.81
C ARG B 284 14.02 -3.98 3.51
N VAL B 285 12.99 -3.99 2.66
CA VAL B 285 12.36 -5.25 2.27
C VAL B 285 13.32 -6.07 1.42
N ALA B 286 13.18 -7.39 1.48
CA ALA B 286 13.99 -8.31 0.69
C ALA B 286 13.16 -8.81 -0.48
N GLU B 287 13.75 -8.76 -1.67
CA GLU B 287 13.09 -9.17 -2.91
C GLU B 287 13.83 -10.36 -3.51
N VAL B 288 13.15 -11.50 -3.59
CA VAL B 288 13.70 -12.67 -4.25
C VAL B 288 13.51 -12.53 -5.74
N GLY B 289 14.17 -13.37 -6.53
CA GLY B 289 14.12 -13.24 -7.97
C GLY B 289 15.32 -12.48 -8.49
N LEU B 290 15.08 -11.34 -9.14
CA LEU B 290 16.15 -10.48 -9.67
C LEU B 290 16.99 -11.19 -10.72
N ASN B 291 16.59 -12.40 -11.10
CA ASN B 291 17.25 -13.17 -12.14
C ASN B 291 16.43 -13.21 -13.42
N ALA B 292 15.22 -12.67 -13.43
CA ALA B 292 14.41 -12.63 -14.62
C ALA B 292 15.08 -11.76 -15.68
N PRO B 293 14.87 -12.07 -16.96
CA PRO B 293 15.44 -11.24 -18.02
C PRO B 293 14.96 -9.79 -17.90
N SER B 294 15.90 -8.86 -18.08
CA SER B 294 15.59 -7.45 -17.89
C SER B 294 16.50 -6.63 -18.79
N VAL B 295 16.00 -5.48 -19.20
CA VAL B 295 16.73 -4.55 -20.07
C VAL B 295 16.90 -3.22 -19.35
N ASP B 296 18.11 -2.68 -19.42
CA ASP B 296 18.36 -1.34 -18.90
C ASP B 296 17.80 -0.32 -19.88
N TYR B 297 16.92 0.54 -19.38
CA TYR B 297 16.26 1.53 -20.23
C TYR B 297 16.80 2.92 -19.91
N PRO B 298 17.68 3.48 -20.74
CA PRO B 298 18.20 4.82 -20.45
C PRO B 298 17.18 5.88 -20.84
N PHE B 299 16.87 6.77 -19.91
CA PHE B 299 15.91 7.83 -20.13
C PHE B 299 16.54 9.17 -19.83
N GLN B 300 16.09 10.20 -20.53
CA GLN B 300 16.51 11.57 -20.26
C GLN B 300 15.46 12.51 -20.81
N TRP B 301 15.02 13.47 -20.00
CA TRP B 301 14.07 14.47 -20.46
C TRP B 301 14.31 15.76 -19.69
N VAL B 302 14.15 16.89 -20.37
CA VAL B 302 14.28 18.18 -19.71
C VAL B 302 13.12 18.35 -18.74
N VAL B 303 13.45 18.57 -17.46
CA VAL B 303 12.40 18.77 -16.46
C VAL B 303 11.68 20.08 -16.72
N ALA B 304 12.45 21.16 -16.90
CA ALA B 304 11.87 22.47 -17.19
C ALA B 304 12.99 23.43 -17.57
N SER B 305 12.58 24.63 -17.98
CA SER B 305 13.49 25.74 -18.24
C SER B 305 13.04 26.93 -17.41
N TYR B 306 13.98 27.54 -16.70
CA TYR B 306 13.67 28.57 -15.71
C TYR B 306 14.47 29.83 -15.98
N ASP B 307 13.83 30.97 -15.74
CA ASP B 307 14.42 32.30 -15.79
C ASP B 307 14.24 32.98 -14.44
N GLY B 308 14.64 34.25 -14.36
CA GLY B 308 14.60 34.96 -13.11
C GLY B 308 13.36 35.79 -12.89
N SER B 309 12.33 35.58 -13.71
CA SER B 309 11.12 36.37 -13.58
C SER B 309 10.46 36.17 -12.22
N GLU B 310 10.36 34.92 -11.76
CA GLU B 310 9.73 34.62 -10.48
C GLU B 310 10.33 33.35 -9.91
N ALA B 311 10.26 33.23 -8.59
CA ALA B 311 10.74 32.02 -7.93
C ALA B 311 9.76 30.88 -8.17
N LYS B 312 10.29 29.73 -8.60
CA LYS B 312 9.45 28.61 -9.00
C LYS B 312 9.92 27.34 -8.32
N ASN B 313 8.99 26.62 -7.71
CA ASN B 313 9.29 25.39 -6.99
C ASN B 313 8.72 24.19 -7.73
N LEU B 314 9.41 23.06 -7.63
CA LEU B 314 8.91 21.82 -8.23
C LEU B 314 9.44 20.65 -7.42
N SER B 315 8.53 19.82 -6.93
CA SER B 315 8.86 18.59 -6.22
C SER B 315 8.13 17.45 -6.91
N ASP B 316 8.86 16.37 -7.21
CA ASP B 316 8.28 15.27 -7.96
C ASP B 316 8.83 13.96 -7.44
N ASP B 317 7.93 12.98 -7.29
CA ASP B 317 8.29 11.62 -6.91
C ASP B 317 8.51 10.79 -8.16
N LEU B 318 9.65 10.11 -8.23
CA LEU B 318 9.99 9.36 -9.43
C LEU B 318 9.08 8.15 -9.66
N SER B 319 8.35 7.72 -8.63
CA SER B 319 7.39 6.63 -8.82
C SER B 319 6.26 7.06 -9.75
N GLY B 320 5.77 8.28 -9.59
CA GLY B 320 4.64 8.78 -10.34
C GLY B 320 4.95 9.74 -11.46
N SER B 321 6.21 9.86 -11.88
CA SER B 321 6.55 10.75 -12.99
C SER B 321 5.86 10.29 -14.26
N ALA B 322 5.21 11.21 -14.95
CA ALA B 322 4.36 10.85 -16.08
C ALA B 322 5.15 10.19 -17.19
N THR B 323 6.25 10.82 -17.62
CA THR B 323 7.08 10.23 -18.66
C THR B 323 7.67 8.90 -18.19
N LEU B 324 8.15 8.86 -16.95
CA LEU B 324 8.69 7.62 -16.43
C LEU B 324 7.60 6.57 -16.23
N THR B 325 6.38 7.00 -15.89
CA THR B 325 5.27 6.04 -15.77
C THR B 325 4.94 5.43 -17.11
N LYS B 326 4.90 6.23 -18.18
CA LYS B 326 4.60 5.67 -19.49
C LYS B 326 5.78 4.90 -20.07
N VAL B 327 6.99 5.12 -19.56
CA VAL B 327 8.12 4.28 -19.95
C VAL B 327 7.92 2.85 -19.44
N MET B 328 7.45 2.70 -18.21
CA MET B 328 7.34 1.40 -17.55
C MET B 328 5.88 1.00 -17.32
N ALA B 329 5.00 1.33 -18.27
CA ALA B 329 3.59 1.04 -18.11
C ALA B 329 3.24 -0.40 -18.46
N ASN B 330 4.13 -1.12 -19.15
CA ASN B 330 3.86 -2.48 -19.59
C ASN B 330 4.71 -3.53 -18.86
N TYR B 331 5.43 -3.13 -17.82
CA TYR B 331 6.31 -4.03 -17.10
C TYR B 331 5.89 -4.14 -15.64
N ARG B 332 6.06 -5.34 -15.08
CA ARG B 332 5.69 -5.57 -13.69
C ARG B 332 6.69 -4.94 -12.72
N HIS B 333 7.98 -5.01 -13.04
CA HIS B 333 9.03 -4.51 -12.16
C HIS B 333 9.86 -3.48 -12.88
N ALA B 334 10.25 -2.43 -12.16
CA ALA B 334 11.05 -1.36 -12.75
C ALA B 334 11.84 -0.70 -11.63
N GLU B 335 13.16 -0.87 -11.62
CA GLU B 335 14.00 -0.34 -10.56
C GLU B 335 15.10 0.52 -11.13
N LEU B 336 15.39 1.63 -10.46
CA LEU B 336 16.43 2.53 -10.92
C LEU B 336 17.82 1.96 -10.63
N THR B 337 18.74 2.17 -11.57
CA THR B 337 20.14 1.88 -11.34
C THR B 337 20.99 3.14 -11.15
N SER B 338 20.54 4.27 -11.66
CA SER B 338 21.19 5.55 -11.49
C SER B 338 20.24 6.63 -11.97
N VAL B 339 20.30 7.80 -11.32
CA VAL B 339 19.48 8.94 -11.69
C VAL B 339 20.11 10.18 -11.08
N GLU B 340 20.05 11.28 -11.83
CA GLU B 340 20.65 12.54 -11.36
C GLU B 340 19.91 13.71 -11.97
N LEU B 341 19.86 14.81 -11.21
CA LEU B 341 19.25 16.05 -11.66
C LEU B 341 20.34 17.01 -12.12
N GLU B 342 20.23 17.48 -13.35
CA GLU B 342 21.26 18.33 -13.96
C GLU B 342 20.73 19.74 -14.11
N VAL B 343 21.46 20.70 -13.56
CA VAL B 343 21.13 22.12 -13.69
C VAL B 343 22.09 22.69 -14.73
N CYS B 344 21.65 22.72 -15.98
CA CYS B 344 22.50 23.14 -17.08
C CYS B 344 22.31 24.62 -17.36
N PRO B 345 23.35 25.44 -17.30
CA PRO B 345 23.20 26.86 -17.60
C PRO B 345 23.06 27.09 -19.10
N LEU B 346 22.61 28.29 -19.45
CA LEU B 346 22.46 28.73 -20.82
C LEU B 346 23.30 29.98 -21.06
N ALA B 347 23.33 30.41 -22.33
CA ALA B 347 24.13 31.58 -22.69
C ALA B 347 23.63 32.83 -21.99
N ALA B 348 22.31 33.00 -21.89
CA ALA B 348 21.74 34.20 -21.27
C ALA B 348 22.12 34.32 -19.79
N ALA B 349 22.57 33.24 -19.17
CA ALA B 349 22.99 33.26 -17.79
C ALA B 349 24.47 33.60 -17.63
N PHE B 350 25.17 33.93 -18.72
CA PHE B 350 26.59 34.26 -18.63
C PHE B 350 26.80 35.50 -17.76
N SER B 351 26.02 36.54 -17.98
CA SER B 351 26.12 37.77 -17.22
C SER B 351 25.08 37.88 -16.12
N LYS B 352 24.25 36.86 -15.94
CA LYS B 352 23.21 36.87 -14.91
C LYS B 352 23.04 35.46 -14.36
N PRO B 353 23.81 35.11 -13.34
CA PRO B 353 23.67 33.76 -12.74
C PRO B 353 22.34 33.62 -12.03
N ILE B 354 21.88 32.38 -11.92
CA ILE B 354 20.63 32.07 -11.26
C ILE B 354 20.86 30.97 -10.23
N SER B 355 20.10 31.03 -9.14
CA SER B 355 20.29 30.17 -7.98
C SER B 355 19.16 29.15 -7.88
N VAL B 356 19.53 27.89 -7.71
CA VAL B 356 18.59 26.77 -7.61
C VAL B 356 19.01 25.91 -6.43
N SER B 357 18.10 25.69 -5.50
CA SER B 357 18.35 24.81 -4.35
C SER B 357 17.61 23.50 -4.54
N ALA B 358 18.33 22.39 -4.45
CA ALA B 358 17.77 21.09 -4.80
C ALA B 358 18.12 20.06 -3.74
N VAL B 359 17.29 19.03 -3.64
CA VAL B 359 17.50 17.95 -2.69
C VAL B 359 16.81 16.69 -3.19
N TRP B 360 17.42 15.54 -2.89
CA TRP B 360 16.83 14.22 -3.10
C TRP B 360 16.46 13.65 -1.74
N THR B 361 15.17 13.34 -1.55
CA THR B 361 14.68 12.79 -0.30
C THR B 361 13.90 11.51 -0.60
N ILE B 362 13.41 10.87 0.45
CA ILE B 362 12.49 9.76 0.27
C ILE B 362 11.10 10.30 -0.03
N ALA B 363 10.27 9.45 -0.64
CA ALA B 363 8.93 9.89 -1.04
C ALA B 363 8.08 10.31 0.14
N SER B 364 8.34 9.77 1.33
CA SER B 364 7.60 10.17 2.51
C SER B 364 7.82 11.64 2.84
N ILE B 365 9.06 12.10 2.75
CA ILE B 365 9.40 13.47 3.09
C ILE B 365 9.13 14.36 1.88
N SER B 366 8.36 15.42 2.08
CA SER B 366 8.01 16.36 1.01
C SER B 366 8.54 17.74 1.36
N PRO B 367 9.69 18.15 0.82
CA PRO B 367 10.22 19.48 1.15
C PRO B 367 9.30 20.59 0.68
N ALA B 368 9.32 21.69 1.43
CA ALA B 368 8.49 22.85 1.10
C ALA B 368 9.17 23.66 0.00
N SER B 369 8.66 24.85 -0.27
CA SER B 369 9.19 25.70 -1.31
C SER B 369 10.34 26.55 -0.78
N ALA B 370 11.46 26.57 -1.52
CA ALA B 370 12.64 27.35 -1.19
C ALA B 370 13.24 26.99 0.16
N SER B 371 12.96 25.79 0.65
CA SER B 371 13.49 25.31 1.93
C SER B 371 14.14 23.95 1.77
N GLU B 372 14.92 23.78 0.71
CA GLU B 372 15.61 22.52 0.45
C GLU B 372 17.02 22.49 1.03
N THR B 373 17.51 23.60 1.57
CA THR B 373 18.78 23.60 2.28
C THR B 373 18.63 23.20 3.75
N SER B 374 17.40 23.12 4.26
CA SER B 374 17.16 22.66 5.62
C SER B 374 17.15 21.14 5.72
N TYR B 375 17.11 20.44 4.59
CA TYR B 375 17.13 18.99 4.57
C TYR B 375 18.54 18.50 4.27
N TYR B 376 18.96 17.46 4.99
CA TYR B 376 20.33 16.98 4.87
C TYR B 376 20.61 16.56 3.43
N GLY B 377 21.72 17.06 2.88
CA GLY B 377 22.08 16.81 1.51
C GLY B 377 21.55 17.82 0.52
N GLY B 378 20.69 18.74 0.94
CA GLY B 378 20.21 19.77 0.04
C GLY B 378 21.30 20.77 -0.27
N ARG B 379 21.47 21.10 -1.55
CA ARG B 379 22.56 21.95 -2.00
C ARG B 379 22.02 23.10 -2.82
N LEU B 380 22.67 24.26 -2.69
CA LEU B 380 22.27 25.49 -3.38
C LEU B 380 23.29 25.78 -4.48
N PHE B 381 22.93 25.45 -5.71
CA PHE B 381 23.78 25.71 -6.86
C PHE B 381 23.52 27.11 -7.41
N THR B 382 24.56 27.70 -7.99
CA THR B 382 24.47 28.99 -8.66
C THR B 382 25.10 28.83 -10.04
N VAL B 383 24.26 28.80 -11.07
CA VAL B 383 24.74 28.52 -12.43
C VAL B 383 24.81 29.83 -13.21
N GLY B 384 25.90 30.01 -13.94
CA GLY B 384 26.16 31.20 -14.70
C GLY B 384 27.60 31.64 -14.51
N GLY B 385 27.87 32.88 -14.89
CA GLY B 385 29.19 33.45 -14.73
C GLY B 385 30.16 32.99 -15.80
N PRO B 386 31.44 33.30 -15.62
CA PRO B 386 32.44 32.92 -16.63
C PRO B 386 32.53 31.42 -16.86
N VAL B 387 32.33 30.60 -15.84
CA VAL B 387 32.34 29.15 -15.99
C VAL B 387 30.91 28.72 -16.32
N LEU B 388 30.66 28.52 -17.61
CA LEU B 388 29.33 28.17 -18.09
C LEU B 388 29.06 26.68 -18.13
N MET B 389 30.07 25.84 -17.90
CA MET B 389 29.89 24.40 -17.86
C MET B 389 30.67 23.85 -16.67
N SER B 390 29.98 23.08 -15.83
CA SER B 390 30.60 22.48 -14.66
C SER B 390 29.75 21.32 -14.17
N SER B 391 30.41 20.29 -13.65
CA SER B 391 29.72 19.14 -13.09
C SER B 391 29.41 19.32 -11.62
N THR B 392 29.66 20.50 -11.06
CA THR B 392 29.36 20.78 -9.66
C THR B 392 27.90 21.13 -9.43
N THR B 393 27.10 21.25 -10.49
CA THR B 393 25.67 21.54 -10.36
C THR B 393 24.80 20.35 -10.74
N HIS B 394 25.39 19.17 -10.95
CA HIS B 394 24.63 17.95 -11.17
C HIS B 394 24.55 17.19 -9.85
N LEU B 395 23.32 17.00 -9.36
CA LEU B 395 23.10 16.35 -8.08
C LEU B 395 22.66 14.92 -8.31
N PRO B 396 23.43 13.92 -7.93
CA PRO B 396 23.02 12.53 -8.11
C PRO B 396 22.24 12.01 -6.91
N ALA B 397 21.56 10.89 -7.14
CA ALA B 397 20.75 10.24 -6.12
C ALA B 397 21.52 9.07 -5.52
N ASP B 398 21.58 9.02 -4.19
CA ASP B 398 22.25 7.92 -3.50
C ASP B 398 21.26 6.77 -3.38
N LEU B 399 21.20 5.96 -4.42
CA LEU B 399 20.24 4.86 -4.47
C LEU B 399 20.55 3.76 -3.47
N THR B 400 21.73 3.78 -2.85
CA THR B 400 22.02 2.83 -1.77
C THR B 400 21.15 3.13 -0.55
N ARG B 401 20.84 4.40 -0.31
CA ARG B 401 19.99 4.79 0.81
C ARG B 401 18.53 4.93 0.41
N LEU B 402 18.26 5.52 -0.75
CA LEU B 402 16.89 5.58 -1.25
C LEU B 402 16.48 4.20 -1.76
N ASN B 403 15.28 4.12 -2.33
CA ASN B 403 14.77 2.86 -2.85
C ASN B 403 14.87 2.84 -4.37
N PRO B 404 15.72 2.01 -4.95
CA PRO B 404 15.80 1.96 -6.42
C PRO B 404 14.49 1.54 -7.09
N VAL B 405 13.69 0.72 -6.44
CA VAL B 405 12.50 0.18 -7.07
C VAL B 405 11.44 1.26 -7.19
N LEU B 406 10.93 1.47 -8.40
CA LEU B 406 9.84 2.39 -8.67
C LEU B 406 8.51 1.70 -8.88
N LYS B 407 8.51 0.58 -9.61
CA LYS B 407 7.32 -0.24 -9.82
C LYS B 407 7.64 -1.67 -9.42
N GLY B 408 6.77 -2.26 -8.61
CA GLY B 408 6.97 -3.61 -8.16
C GLY B 408 5.68 -4.26 -7.71
N PRO B 409 5.76 -5.44 -7.09
CA PRO B 409 4.56 -6.07 -6.54
C PRO B 409 3.87 -5.22 -5.49
N VAL B 410 4.63 -4.48 -4.68
CA VAL B 410 4.08 -3.64 -3.63
C VAL B 410 4.52 -2.20 -3.87
N LYS B 411 3.73 -1.26 -3.35
CA LYS B 411 4.04 0.15 -3.47
C LYS B 411 4.94 0.57 -2.32
N TYR B 412 6.12 1.08 -2.64
CA TYR B 412 7.09 1.51 -1.65
C TYR B 412 6.89 2.98 -1.32
N THR B 413 7.22 3.36 -0.09
CA THR B 413 7.01 4.71 0.40
C THR B 413 8.30 5.51 0.50
N ASP B 414 9.45 4.94 0.17
CA ASP B 414 10.72 5.64 0.27
C ASP B 414 11.44 5.66 -1.08
N CYS B 415 10.68 5.79 -2.16
CA CYS B 415 11.28 5.98 -3.47
C CYS B 415 11.86 7.39 -3.57
N PRO B 416 12.82 7.59 -4.47
CA PRO B 416 13.44 8.91 -4.58
C PRO B 416 12.43 9.98 -4.97
N ARG B 417 12.59 11.17 -4.38
CA ARG B 417 11.81 12.34 -4.71
C ARG B 417 12.77 13.50 -4.85
N PHE B 418 12.69 14.22 -5.96
CA PHE B 418 13.56 15.38 -6.17
C PHE B 418 12.75 16.64 -5.99
N SER B 419 13.25 17.54 -5.15
CA SER B 419 12.58 18.80 -4.85
C SER B 419 13.57 19.94 -5.05
N TYR B 420 13.20 20.92 -5.87
CA TYR B 420 14.07 22.04 -6.14
C TYR B 420 13.27 23.32 -6.21
N SER B 421 13.97 24.43 -6.00
CA SER B 421 13.40 25.77 -6.04
C SER B 421 14.35 26.70 -6.75
N VAL B 422 13.80 27.58 -7.58
CA VAL B 422 14.56 28.51 -8.40
C VAL B 422 14.26 29.91 -7.90
N TYR B 423 15.30 30.63 -7.48
CA TYR B 423 15.14 31.98 -6.95
C TYR B 423 15.17 33.01 -8.06
N SER B 424 14.32 34.03 -7.94
CA SER B 424 14.24 35.06 -8.96
C SER B 424 15.40 36.03 -8.84
N ASN B 425 15.91 36.46 -10.00
CA ASN B 425 16.98 37.45 -10.07
C ASN B 425 16.73 38.51 -11.12
N GLY B 426 15.48 38.94 -11.28
CA GLY B 426 15.14 39.97 -12.24
C GLY B 426 15.31 39.58 -13.69
N GLY B 427 14.91 38.36 -14.04
CA GLY B 427 14.94 37.94 -15.42
C GLY B 427 13.91 38.65 -16.27
N THR B 428 14.12 38.61 -17.59
CA THR B 428 13.24 39.35 -18.50
C THR B 428 12.13 38.49 -19.09
N LYS B 429 11.69 37.45 -18.39
CA LYS B 429 10.49 36.66 -18.66
C LYS B 429 10.66 35.72 -19.85
N GLY B 430 11.75 35.82 -20.62
CA GLY B 430 11.89 34.96 -21.78
C GLY B 430 13.27 34.41 -22.06
N THR B 431 14.27 34.82 -21.26
CA THR B 431 15.65 34.48 -21.59
C THR B 431 15.99 33.03 -21.24
N ASN B 432 15.23 32.42 -20.32
CA ASN B 432 15.46 31.03 -19.93
C ASN B 432 16.89 30.81 -19.45
N LEU B 433 17.21 31.41 -18.29
CA LEU B 433 18.58 31.42 -17.80
C LEU B 433 19.15 30.02 -17.66
N CYS B 434 18.39 29.09 -17.10
CA CYS B 434 18.89 27.74 -16.87
C CYS B 434 17.86 26.72 -17.30
N THR B 435 18.32 25.48 -17.48
CA THR B 435 17.46 24.36 -17.80
C THR B 435 17.75 23.21 -16.84
N ILE B 436 16.70 22.71 -16.20
CA ILE B 436 16.80 21.55 -15.33
C ILE B 436 16.38 20.33 -16.15
N ILE B 437 17.28 19.36 -16.27
CA ILE B 437 17.02 18.11 -16.96
C ILE B 437 17.35 16.95 -16.04
N LEU B 438 16.67 15.83 -16.25
CA LEU B 438 16.84 14.64 -15.41
C LEU B 438 17.12 13.45 -16.30
N ARG B 439 18.20 12.73 -16.01
CA ARG B 439 18.57 11.55 -16.78
C ARG B 439 18.96 10.42 -15.84
N GLY B 440 18.86 9.21 -16.36
CA GLY B 440 19.19 8.05 -15.56
C GLY B 440 18.97 6.78 -16.35
N VAL B 441 18.99 5.65 -15.63
CA VAL B 441 18.78 4.33 -16.21
C VAL B 441 17.83 3.56 -15.31
N VAL B 442 16.79 2.98 -15.89
CA VAL B 442 15.84 2.15 -15.17
C VAL B 442 15.84 0.76 -15.79
N ARG B 443 15.97 -0.25 -14.94
CA ARG B 443 15.94 -1.64 -15.37
C ARG B 443 14.51 -2.15 -15.29
N LEU B 444 13.99 -2.62 -16.43
CA LEU B 444 12.61 -3.06 -16.57
C LEU B 444 12.60 -4.58 -16.67
N SER B 445 11.76 -5.22 -15.87
CA SER B 445 11.74 -6.68 -15.81
C SER B 445 10.30 -7.17 -15.71
N GLY B 446 10.06 -8.32 -16.33
CA GLY B 446 8.78 -8.99 -16.22
C GLY B 446 7.65 -8.26 -16.91
N PRO B 447 7.67 -8.21 -18.25
CA PRO B 447 6.57 -7.57 -18.97
C PRO B 447 5.26 -8.30 -18.74
N SER B 448 4.18 -7.53 -18.68
CA SER B 448 2.84 -8.06 -18.50
C SER B 448 2.07 -7.96 -19.80
N GLY B 449 1.37 -9.03 -20.16
CA GLY B 449 0.74 -9.13 -21.46
C GLY B 449 -0.58 -8.39 -21.56
N ASN B 450 -0.51 -7.06 -21.66
CA ASN B 450 -1.71 -6.24 -21.79
C ASN B 450 -1.58 -5.30 -22.98
N LEU B 451 -2.70 -5.09 -23.67
CA LEU B 451 -2.77 -4.10 -24.74
C LEU B 451 -4.17 -3.48 -24.77
N LEU C 279 3.89 -16.67 -19.40
CA LEU C 279 4.29 -15.34 -18.95
C LEU C 279 5.72 -15.34 -18.45
N PRO C 280 6.47 -14.29 -18.76
CA PRO C 280 7.85 -14.19 -18.30
C PRO C 280 7.93 -13.96 -16.80
N ALA C 281 9.04 -14.38 -16.22
CA ALA C 281 9.24 -14.25 -14.79
C ALA C 281 9.43 -12.79 -14.40
N ALA C 282 9.02 -12.46 -13.19
CA ALA C 282 9.22 -11.14 -12.61
C ALA C 282 9.67 -11.30 -11.16
N PRO C 283 10.51 -10.39 -10.67
CA PRO C 283 10.93 -10.47 -9.27
C PRO C 283 9.78 -10.20 -8.32
N ARG C 284 9.87 -10.78 -7.13
CA ARG C 284 8.81 -10.69 -6.14
C ARG C 284 9.42 -10.54 -4.76
N VAL C 285 8.61 -10.06 -3.82
CA VAL C 285 9.04 -9.89 -2.44
C VAL C 285 9.06 -11.25 -1.76
N ALA C 286 9.69 -11.34 -0.60
CA ALA C 286 9.85 -12.59 0.12
C ALA C 286 9.08 -12.55 1.44
N GLU C 287 8.58 -13.70 1.84
CA GLU C 287 7.87 -13.87 3.10
C GLU C 287 8.69 -14.79 4.01
N VAL C 288 8.82 -14.41 5.28
CA VAL C 288 9.76 -15.09 6.17
C VAL C 288 9.15 -16.36 6.73
N GLY C 289 8.05 -16.24 7.47
CA GLY C 289 7.55 -17.38 8.20
C GLY C 289 6.54 -18.21 7.44
N LEU C 290 7.01 -19.28 6.80
CA LEU C 290 6.12 -20.21 6.11
C LEU C 290 5.76 -21.42 6.96
N ASN C 291 6.26 -21.48 8.19
CA ASN C 291 5.97 -22.58 9.10
C ASN C 291 4.83 -22.26 10.06
N ALA C 292 4.17 -21.13 9.88
CA ALA C 292 3.04 -20.78 10.74
C ALA C 292 1.91 -21.78 10.56
N PRO C 293 1.17 -22.08 11.62
CA PRO C 293 0.06 -23.04 11.50
C PRO C 293 -0.98 -22.61 10.48
N SER C 294 -1.09 -23.36 9.40
CA SER C 294 -1.96 -23.02 8.28
C SER C 294 -2.75 -24.24 7.86
N VAL C 295 -4.01 -24.03 7.47
CA VAL C 295 -4.90 -25.11 7.06
C VAL C 295 -5.33 -24.85 5.62
N ASP C 296 -5.26 -25.88 4.79
CA ASP C 296 -5.72 -25.78 3.41
C ASP C 296 -7.24 -25.77 3.38
N TYR C 297 -7.81 -24.75 2.74
CA TYR C 297 -9.26 -24.51 2.76
C TYR C 297 -9.78 -24.62 1.33
N PRO C 298 -10.30 -25.78 0.93
CA PRO C 298 -10.88 -25.89 -0.41
C PRO C 298 -12.19 -25.13 -0.50
N PHE C 299 -12.35 -24.37 -1.58
CA PHE C 299 -13.53 -23.55 -1.77
C PHE C 299 -14.06 -23.73 -3.18
N GLN C 300 -15.37 -23.54 -3.32
CA GLN C 300 -16.03 -23.56 -4.62
C GLN C 300 -17.31 -22.77 -4.53
N TRP C 301 -17.59 -21.96 -5.54
CA TRP C 301 -18.79 -21.14 -5.55
C TRP C 301 -19.11 -20.74 -6.98
N VAL C 302 -20.39 -20.79 -7.33
CA VAL C 302 -20.83 -20.47 -8.68
C VAL C 302 -20.87 -18.95 -8.84
N VAL C 303 -20.15 -18.45 -9.83
CA VAL C 303 -20.10 -17.00 -10.05
C VAL C 303 -21.46 -16.50 -10.52
N ALA C 304 -21.93 -17.00 -11.67
CA ALA C 304 -23.23 -16.61 -12.19
C ALA C 304 -23.63 -17.58 -13.30
N SER C 305 -24.93 -17.65 -13.55
CA SER C 305 -25.48 -18.44 -14.65
C SER C 305 -25.93 -17.50 -15.76
N TYR C 306 -25.47 -17.77 -16.98
CA TYR C 306 -25.67 -16.88 -18.11
C TYR C 306 -26.47 -17.57 -19.21
N ASP C 307 -27.46 -16.85 -19.73
CA ASP C 307 -28.14 -17.17 -20.97
C ASP C 307 -27.79 -16.10 -22.00
N GLY C 308 -27.85 -16.48 -23.26
CA GLY C 308 -27.35 -15.61 -24.31
C GLY C 308 -28.29 -14.51 -24.75
N SER C 309 -29.11 -13.99 -23.83
CA SER C 309 -30.03 -12.92 -24.19
C SER C 309 -29.29 -11.61 -24.46
N GLU C 310 -28.39 -11.21 -23.56
CA GLU C 310 -27.51 -10.09 -23.83
C GLU C 310 -26.09 -10.45 -23.40
N ALA C 311 -25.13 -9.76 -24.02
CA ALA C 311 -23.73 -9.94 -23.66
C ALA C 311 -23.48 -9.35 -22.27
N LYS C 312 -22.81 -10.11 -21.41
CA LYS C 312 -22.60 -9.70 -20.03
C LYS C 312 -21.13 -9.86 -19.66
N ASN C 313 -20.56 -8.81 -19.07
CA ASN C 313 -19.16 -8.79 -18.67
C ASN C 313 -19.05 -8.95 -17.16
N LEU C 314 -17.93 -9.51 -16.72
CA LEU C 314 -17.61 -9.54 -15.29
C LEU C 314 -16.11 -9.71 -15.13
N SER C 315 -15.47 -8.73 -14.50
CA SER C 315 -14.07 -8.80 -14.15
C SER C 315 -13.95 -8.58 -12.64
N ASP C 316 -13.28 -9.50 -11.96
CA ASP C 316 -13.18 -9.43 -10.51
C ASP C 316 -11.78 -9.80 -10.07
N ASP C 317 -11.23 -8.99 -9.16
CA ASP C 317 -9.99 -9.31 -8.49
C ASP C 317 -10.29 -10.28 -7.35
N LEU C 318 -9.51 -11.36 -7.26
CA LEU C 318 -9.76 -12.36 -6.23
C LEU C 318 -9.54 -11.82 -4.83
N SER C 319 -8.73 -10.77 -4.69
CA SER C 319 -8.48 -10.20 -3.36
C SER C 319 -9.70 -9.45 -2.82
N GLY C 320 -10.63 -9.06 -3.69
CA GLY C 320 -11.78 -8.28 -3.26
C GLY C 320 -13.11 -8.90 -3.61
N SER C 321 -13.10 -10.13 -4.10
CA SER C 321 -14.35 -10.83 -4.40
C SER C 321 -15.12 -11.08 -3.11
N ALA C 322 -16.44 -10.86 -3.18
CA ALA C 322 -17.25 -10.79 -1.96
C ALA C 322 -17.26 -12.12 -1.21
N THR C 323 -17.49 -13.24 -1.93
CA THR C 323 -17.58 -14.53 -1.26
C THR C 323 -16.25 -14.96 -0.69
N LEU C 324 -15.18 -14.85 -1.49
CA LEU C 324 -13.88 -15.24 -0.98
C LEU C 324 -13.46 -14.35 0.19
N THR C 325 -13.75 -13.05 0.10
CA THR C 325 -13.33 -12.16 1.18
C THR C 325 -14.16 -12.36 2.44
N LYS C 326 -15.43 -12.76 2.32
CA LYS C 326 -16.15 -13.10 3.55
C LYS C 326 -15.67 -14.43 4.11
N VAL C 327 -15.09 -15.30 3.28
CA VAL C 327 -14.45 -16.50 3.81
C VAL C 327 -13.18 -16.14 4.58
N MET C 328 -12.33 -15.29 4.00
CA MET C 328 -11.00 -15.08 4.56
C MET C 328 -10.84 -13.75 5.30
N ALA C 329 -11.93 -13.08 5.66
CA ALA C 329 -11.82 -11.91 6.51
C ALA C 329 -11.45 -12.27 7.94
N ASN C 330 -11.57 -13.53 8.34
CA ASN C 330 -11.27 -13.97 9.69
C ASN C 330 -9.83 -14.43 9.86
N TYR C 331 -9.02 -14.37 8.81
CA TYR C 331 -7.63 -14.82 8.85
C TYR C 331 -6.71 -13.68 8.44
N ARG C 332 -5.51 -13.67 9.02
CA ARG C 332 -4.54 -12.62 8.70
C ARG C 332 -3.91 -12.85 7.33
N HIS C 333 -3.62 -14.11 7.00
CA HIS C 333 -2.93 -14.42 5.76
C HIS C 333 -3.72 -15.47 4.99
N ALA C 334 -3.76 -15.33 3.66
CA ALA C 334 -4.51 -16.24 2.81
C ALA C 334 -3.89 -16.24 1.43
N GLU C 335 -3.26 -17.34 1.04
CA GLU C 335 -2.61 -17.46 -0.26
C GLU C 335 -3.14 -18.67 -1.01
N LEU C 336 -3.38 -18.51 -2.30
CA LEU C 336 -3.94 -19.59 -3.09
C LEU C 336 -2.89 -20.66 -3.38
N THR C 337 -3.36 -21.89 -3.59
CA THR C 337 -2.54 -22.96 -4.11
C THR C 337 -2.90 -23.34 -5.55
N SER C 338 -4.17 -23.20 -5.92
CA SER C 338 -4.63 -23.44 -7.28
C SER C 338 -6.04 -22.88 -7.44
N VAL C 339 -6.29 -22.12 -8.51
CA VAL C 339 -7.62 -21.59 -8.80
C VAL C 339 -7.90 -21.79 -10.28
N GLU C 340 -9.17 -22.00 -10.60
CA GLU C 340 -9.57 -22.43 -11.93
C GLU C 340 -11.04 -22.07 -12.12
N LEU C 341 -11.34 -21.27 -13.14
CA LEU C 341 -12.73 -20.92 -13.44
C LEU C 341 -13.26 -21.85 -14.51
N GLU C 342 -14.51 -22.26 -14.33
CA GLU C 342 -15.12 -23.30 -15.15
C GLU C 342 -16.41 -22.80 -15.77
N VAL C 343 -16.55 -23.03 -17.08
CA VAL C 343 -17.76 -22.68 -17.81
C VAL C 343 -18.48 -23.99 -18.10
N CYS C 344 -19.39 -24.35 -17.21
CA CYS C 344 -20.06 -25.65 -17.30
C CYS C 344 -21.34 -25.51 -18.10
N PRO C 345 -21.51 -26.25 -19.20
CA PRO C 345 -22.76 -26.17 -19.95
C PRO C 345 -23.90 -26.82 -19.21
N LEU C 346 -25.12 -26.36 -19.50
CA LEU C 346 -26.33 -26.95 -18.97
C LEU C 346 -27.05 -27.70 -20.08
N ALA C 347 -28.17 -28.34 -19.71
CA ALA C 347 -28.92 -29.13 -20.68
C ALA C 347 -29.47 -28.25 -21.80
N ALA C 348 -29.96 -27.06 -21.46
CA ALA C 348 -30.52 -26.16 -22.46
C ALA C 348 -29.49 -25.72 -23.49
N ALA C 349 -28.20 -25.78 -23.16
CA ALA C 349 -27.15 -25.43 -24.09
C ALA C 349 -26.79 -26.57 -25.03
N PHE C 350 -27.44 -27.72 -24.90
CA PHE C 350 -27.16 -28.83 -25.82
C PHE C 350 -27.50 -28.45 -27.25
N SER C 351 -28.63 -27.77 -27.46
CA SER C 351 -29.06 -27.37 -28.78
C SER C 351 -28.76 -25.90 -29.10
N LYS C 352 -28.07 -25.20 -28.20
CA LYS C 352 -27.74 -23.80 -28.42
C LYS C 352 -26.46 -23.47 -27.65
N PRO C 353 -25.31 -23.57 -28.30
CA PRO C 353 -24.05 -23.28 -27.61
C PRO C 353 -23.91 -21.79 -27.33
N ILE C 354 -23.09 -21.48 -26.33
CA ILE C 354 -22.82 -20.11 -25.91
C ILE C 354 -21.31 -19.93 -25.81
N SER C 355 -20.85 -18.74 -26.18
CA SER C 355 -19.42 -18.43 -26.25
C SER C 355 -19.03 -17.45 -25.16
N VAL C 356 -17.94 -17.74 -24.47
CA VAL C 356 -17.43 -16.88 -23.40
C VAL C 356 -15.93 -16.70 -23.60
N SER C 357 -15.46 -15.46 -23.46
CA SER C 357 -14.03 -15.17 -23.56
C SER C 357 -13.52 -14.82 -22.17
N ALA C 358 -12.50 -15.53 -21.72
CA ALA C 358 -12.03 -15.41 -20.34
C ALA C 358 -10.51 -15.28 -20.31
N VAL C 359 -10.02 -14.63 -19.26
CA VAL C 359 -8.58 -14.41 -19.07
C VAL C 359 -8.28 -14.26 -17.59
N TRP C 360 -7.10 -14.75 -17.20
CA TRP C 360 -6.55 -14.60 -15.85
C TRP C 360 -5.37 -13.63 -15.97
N THR C 361 -5.51 -12.46 -15.38
CA THR C 361 -4.53 -11.39 -15.55
C THR C 361 -4.10 -10.86 -14.18
N ILE C 362 -3.23 -9.86 -14.21
CA ILE C 362 -2.76 -9.19 -13.01
C ILE C 362 -3.83 -8.19 -12.56
N ALA C 363 -4.00 -8.05 -11.24
CA ALA C 363 -5.00 -7.13 -10.71
C ALA C 363 -4.77 -5.70 -11.18
N SER C 364 -3.54 -5.33 -11.52
CA SER C 364 -3.29 -4.02 -12.09
C SER C 364 -3.97 -3.88 -13.45
N ILE C 365 -3.95 -4.93 -14.25
CA ILE C 365 -4.55 -4.91 -15.58
C ILE C 365 -6.04 -5.24 -15.46
N SER C 366 -6.87 -4.35 -16.00
CA SER C 366 -8.32 -4.55 -15.99
C SER C 366 -8.82 -4.65 -17.42
N PRO C 367 -9.02 -5.86 -17.95
CA PRO C 367 -9.51 -5.99 -19.31
C PRO C 367 -10.89 -5.37 -19.50
N ALA C 368 -11.13 -4.85 -20.69
CA ALA C 368 -12.41 -4.21 -21.01
C ALA C 368 -13.44 -5.29 -21.35
N SER C 369 -14.60 -4.86 -21.83
CA SER C 369 -15.68 -5.79 -22.14
C SER C 369 -15.47 -6.40 -23.52
N ALA C 370 -15.64 -7.72 -23.60
CA ALA C 370 -15.53 -8.48 -24.85
C ALA C 370 -14.15 -8.35 -25.49
N SER C 371 -13.13 -8.02 -24.69
CA SER C 371 -11.77 -7.86 -25.20
C SER C 371 -10.78 -8.69 -24.39
N GLU C 372 -11.20 -9.88 -23.96
CA GLU C 372 -10.31 -10.76 -23.21
C GLU C 372 -9.39 -11.57 -24.12
N THR C 373 -9.61 -11.56 -25.43
CA THR C 373 -8.70 -12.22 -26.35
C THR C 373 -7.52 -11.35 -26.75
N SER C 374 -7.56 -10.05 -26.44
CA SER C 374 -6.47 -9.14 -26.75
C SER C 374 -5.36 -9.19 -25.70
N TYR C 375 -5.54 -9.95 -24.63
CA TYR C 375 -4.54 -10.10 -23.59
C TYR C 375 -3.94 -11.50 -23.67
N TYR C 376 -2.62 -11.58 -23.50
CA TYR C 376 -1.92 -12.84 -23.67
C TYR C 376 -2.48 -13.89 -22.72
N GLY C 377 -2.76 -15.07 -23.27
CA GLY C 377 -3.39 -16.14 -22.52
C GLY C 377 -4.90 -16.08 -22.48
N GLY C 378 -5.51 -15.13 -23.16
CA GLY C 378 -6.97 -15.08 -23.21
C GLY C 378 -7.52 -16.19 -24.10
N ARG C 379 -8.59 -16.82 -23.63
CA ARG C 379 -9.20 -17.95 -24.32
C ARG C 379 -10.64 -17.64 -24.68
N LEU C 380 -11.13 -18.28 -25.74
CA LEU C 380 -12.48 -18.09 -26.24
C LEU C 380 -13.17 -19.45 -26.25
N PHE C 381 -13.79 -19.81 -25.12
CA PHE C 381 -14.49 -21.07 -25.00
C PHE C 381 -15.86 -20.98 -25.64
N THR C 382 -16.35 -22.12 -26.13
CA THR C 382 -17.68 -22.24 -26.72
C THR C 382 -18.30 -23.53 -26.18
N VAL C 383 -19.16 -23.40 -25.18
CA VAL C 383 -19.72 -24.54 -24.48
C VAL C 383 -21.11 -24.85 -25.02
N GLY C 384 -21.43 -26.14 -25.11
CA GLY C 384 -22.69 -26.61 -25.61
C GLY C 384 -22.49 -27.71 -26.62
N GLY C 385 -23.55 -28.00 -27.37
CA GLY C 385 -23.49 -29.03 -28.40
C GLY C 385 -23.57 -30.41 -27.82
N PRO C 386 -23.42 -31.43 -28.68
CA PRO C 386 -23.46 -32.81 -28.20
C PRO C 386 -22.39 -33.14 -27.18
N VAL C 387 -21.24 -32.46 -27.23
CA VAL C 387 -20.16 -32.69 -26.26
C VAL C 387 -20.47 -31.76 -25.09
N LEU C 388 -21.28 -32.25 -24.17
CA LEU C 388 -21.74 -31.45 -23.04
C LEU C 388 -20.77 -31.45 -21.87
N MET C 389 -19.76 -32.33 -21.87
CA MET C 389 -18.80 -32.42 -20.78
C MET C 389 -17.40 -32.49 -21.38
N SER C 390 -16.53 -31.58 -20.95
CA SER C 390 -15.15 -31.56 -21.41
C SER C 390 -14.34 -30.66 -20.49
N SER C 391 -13.11 -31.07 -20.20
CA SER C 391 -12.20 -30.28 -19.38
C SER C 391 -11.44 -29.23 -20.17
N THR C 392 -11.69 -29.13 -21.48
CA THR C 392 -11.02 -28.15 -22.32
C THR C 392 -11.53 -26.73 -22.09
N THR C 393 -12.63 -26.57 -21.34
CA THR C 393 -13.18 -25.26 -21.04
C THR C 393 -12.90 -24.83 -19.61
N HIS C 394 -11.95 -25.47 -18.95
CA HIS C 394 -11.55 -25.14 -17.58
C HIS C 394 -10.28 -24.31 -17.64
N LEU C 395 -10.34 -23.07 -17.15
CA LEU C 395 -9.22 -22.16 -17.26
C LEU C 395 -8.54 -21.99 -15.90
N PRO C 396 -7.36 -22.55 -15.69
CA PRO C 396 -6.68 -22.39 -14.40
C PRO C 396 -5.72 -21.20 -14.38
N ALA C 397 -5.61 -20.60 -13.20
CA ALA C 397 -4.74 -19.46 -13.01
C ALA C 397 -3.29 -19.91 -12.95
N ASP C 398 -2.40 -19.10 -13.53
CA ASP C 398 -0.97 -19.39 -13.54
C ASP C 398 -0.34 -18.76 -12.30
N LEU C 399 -0.51 -19.44 -11.17
CA LEU C 399 0.01 -18.93 -9.90
C LEU C 399 1.54 -18.91 -9.86
N THR C 400 2.21 -19.59 -10.78
CA THR C 400 3.66 -19.50 -10.85
C THR C 400 4.10 -18.09 -11.22
N ARG C 401 3.40 -17.45 -12.16
CA ARG C 401 3.72 -16.11 -12.60
C ARG C 401 2.91 -15.03 -11.89
N LEU C 402 1.68 -15.33 -11.50
CA LEU C 402 0.86 -14.37 -10.76
C LEU C 402 1.28 -14.41 -9.28
N ASN C 403 0.48 -13.77 -8.44
CA ASN C 403 0.77 -13.74 -7.00
C ASN C 403 -0.24 -14.62 -6.27
N PRO C 404 0.20 -15.72 -5.64
CA PRO C 404 -0.75 -16.53 -4.86
C PRO C 404 -1.36 -15.81 -3.67
N VAL C 405 -0.72 -14.76 -3.17
CA VAL C 405 -1.13 -14.12 -1.92
C VAL C 405 -2.23 -13.11 -2.20
N LEU C 406 -3.35 -13.23 -1.48
CA LEU C 406 -4.49 -12.32 -1.57
C LEU C 406 -4.61 -11.41 -0.35
N LYS C 407 -4.44 -11.96 0.84
CA LYS C 407 -4.45 -11.17 2.06
C LYS C 407 -3.14 -11.42 2.80
N GLY C 408 -2.52 -10.34 3.27
CA GLY C 408 -1.27 -10.43 3.97
C GLY C 408 -0.93 -9.13 4.65
N PRO C 409 0.30 -9.03 5.16
CA PRO C 409 0.74 -7.75 5.76
C PRO C 409 0.72 -6.59 4.79
N VAL C 410 1.03 -6.83 3.51
CA VAL C 410 1.07 -5.78 2.51
C VAL C 410 -0.04 -6.00 1.50
N LYS C 411 -0.38 -4.93 0.80
CA LYS C 411 -1.40 -4.95 -0.26
C LYS C 411 -0.67 -5.10 -1.60
N TYR C 412 -0.63 -6.33 -2.12
CA TYR C 412 0.05 -6.60 -3.36
C TYR C 412 -0.73 -6.02 -4.54
N THR C 413 -0.05 -5.93 -5.68
CA THR C 413 -0.67 -5.49 -6.92
C THR C 413 -0.64 -6.53 -8.01
N ASP C 414 -0.09 -7.72 -7.74
CA ASP C 414 -0.03 -8.80 -8.70
C ASP C 414 -1.07 -9.89 -8.43
N CYS C 415 -2.05 -9.61 -7.59
CA CYS C 415 -3.05 -10.62 -7.25
C CYS C 415 -3.84 -11.02 -8.50
N PRO C 416 -4.27 -12.27 -8.61
CA PRO C 416 -4.97 -12.71 -9.81
C PRO C 416 -6.31 -12.01 -9.98
N ARG C 417 -6.65 -11.73 -11.22
CA ARG C 417 -7.94 -11.17 -11.60
C ARG C 417 -8.52 -12.04 -12.70
N PHE C 418 -9.79 -12.41 -12.57
CA PHE C 418 -10.45 -13.16 -13.62
C PHE C 418 -11.45 -12.26 -14.34
N SER C 419 -11.33 -12.20 -15.65
CA SER C 419 -12.20 -11.36 -16.47
C SER C 419 -12.81 -12.19 -17.57
N TYR C 420 -14.14 -12.20 -17.65
CA TYR C 420 -14.82 -12.94 -18.71
C TYR C 420 -15.95 -12.11 -19.28
N SER C 421 -16.29 -12.41 -20.53
CA SER C 421 -17.37 -11.76 -21.25
C SER C 421 -18.17 -12.82 -21.98
N VAL C 422 -19.50 -12.75 -21.83
CA VAL C 422 -20.41 -13.73 -22.41
C VAL C 422 -21.14 -13.06 -23.56
N TYR C 423 -21.03 -13.66 -24.74
CA TYR C 423 -21.62 -13.11 -25.96
C TYR C 423 -23.04 -13.58 -26.13
N SER C 424 -23.93 -12.66 -26.52
CA SER C 424 -25.32 -13.00 -26.73
C SER C 424 -25.49 -13.84 -27.99
N ASN C 425 -26.37 -14.84 -27.91
CA ASN C 425 -26.66 -15.70 -29.05
C ASN C 425 -28.15 -15.92 -29.27
N GLY C 426 -29.02 -15.17 -28.62
CA GLY C 426 -30.44 -15.36 -28.77
C GLY C 426 -31.07 -16.18 -27.66
N GLY C 427 -30.75 -15.85 -26.41
CA GLY C 427 -31.28 -16.59 -25.29
C GLY C 427 -32.73 -16.25 -25.00
N THR C 428 -33.30 -17.00 -24.05
CA THR C 428 -34.69 -16.87 -23.67
C THR C 428 -34.85 -16.22 -22.28
N LYS C 429 -33.73 -15.76 -21.71
CA LYS C 429 -33.70 -15.00 -20.45
C LYS C 429 -34.01 -15.92 -19.27
N GLY C 430 -34.35 -17.18 -19.54
CA GLY C 430 -34.62 -18.12 -18.46
C GLY C 430 -34.01 -19.48 -18.67
N THR C 431 -33.30 -19.67 -19.79
CA THR C 431 -32.75 -20.99 -20.09
C THR C 431 -31.49 -21.27 -19.26
N ASN C 432 -30.68 -20.24 -18.99
CA ASN C 432 -29.42 -20.39 -18.26
C ASN C 432 -28.52 -21.44 -18.95
N LEU C 433 -28.09 -21.08 -20.16
CA LEU C 433 -27.35 -22.02 -20.99
C LEU C 433 -26.05 -22.47 -20.32
N CYS C 434 -25.34 -21.54 -19.67
CA CYS C 434 -24.07 -21.89 -19.06
C CYS C 434 -24.02 -21.39 -17.63
N THR C 435 -23.10 -21.95 -16.85
CA THR C 435 -22.83 -21.49 -15.49
C THR C 435 -21.33 -21.36 -15.30
N ILE C 436 -20.94 -20.40 -14.46
CA ILE C 436 -19.54 -20.08 -14.23
C ILE C 436 -19.20 -20.54 -12.82
N ILE C 437 -18.27 -21.48 -12.70
CA ILE C 437 -17.89 -22.05 -11.42
C ILE C 437 -16.43 -21.76 -11.17
N LEU C 438 -16.12 -21.16 -10.02
CA LEU C 438 -14.77 -20.85 -9.60
C LEU C 438 -14.45 -21.68 -8.36
N ARG C 439 -13.52 -22.62 -8.51
CA ARG C 439 -13.14 -23.49 -7.41
C ARG C 439 -11.63 -23.56 -7.30
N GLY C 440 -11.17 -23.87 -6.09
CA GLY C 440 -9.75 -23.98 -5.85
C GLY C 440 -9.45 -24.24 -4.40
N VAL C 441 -8.20 -24.00 -4.02
CA VAL C 441 -7.73 -24.21 -2.65
C VAL C 441 -7.01 -22.95 -2.20
N VAL C 442 -7.36 -22.46 -1.02
CA VAL C 442 -6.70 -21.32 -0.41
C VAL C 442 -6.16 -21.74 0.95
N ARG C 443 -4.87 -21.48 1.18
CA ARG C 443 -4.22 -21.76 2.45
C ARG C 443 -4.37 -20.54 3.34
N LEU C 444 -5.07 -20.71 4.45
CA LEU C 444 -5.32 -19.65 5.42
C LEU C 444 -4.44 -19.86 6.63
N SER C 445 -3.98 -18.76 7.22
CA SER C 445 -3.12 -18.85 8.39
C SER C 445 -3.28 -17.58 9.22
N GLY C 446 -3.14 -17.74 10.53
CA GLY C 446 -3.22 -16.63 11.45
C GLY C 446 -4.63 -16.07 11.56
N PRO C 447 -5.54 -16.84 12.17
CA PRO C 447 -6.90 -16.36 12.33
C PRO C 447 -6.96 -15.12 13.22
N SER C 448 -7.90 -14.23 12.92
CA SER C 448 -8.06 -12.99 13.65
C SER C 448 -9.29 -13.08 14.56
N GLY C 449 -9.25 -12.31 15.65
CA GLY C 449 -10.40 -12.20 16.51
C GLY C 449 -11.44 -11.28 15.91
N ASN C 450 -12.07 -11.72 14.82
CA ASN C 450 -13.01 -10.88 14.09
C ASN C 450 -14.37 -10.89 14.78
N LEU C 451 -15.39 -10.37 14.10
CA LEU C 451 -16.69 -10.12 14.74
C LEU C 451 -17.33 -11.42 15.22
N LEU C 452 -17.45 -12.40 14.35
CA LEU C 452 -18.14 -13.64 14.70
C LEU C 452 -17.29 -14.53 15.59
#